data_1SPX
#
_entry.id   1SPX
#
_cell.length_a   64.682
_cell.length_b   89.287
_cell.length_c   108.153
_cell.angle_alpha   90.00
_cell.angle_beta   90.00
_cell.angle_gamma   90.00
#
_symmetry.space_group_name_H-M   'I 2 2 2'
#
loop_
_entity.id
_entity.type
_entity.pdbx_description
1 polymer 'short-chain reductase family member (5L265)'
2 water water
#
_entity_poly.entity_id   1
_entity_poly.type   'polypeptide(L)'
_entity_poly.pdbx_seq_one_letter_code
;MTRFAEKVAIITGSSNGIGRATAVLFAREGAKVTITGRHAERLEETRQQILAAGVSEQNVNSVVADVTTDAGQDEILSTT
LGKFGKLDILVNNAGAAIPDSQSKTGTAQSIESYDATLNLNLRSVIALTKKAVPHLSSTKGEIVNISSIASGLHATPDFP
YYSIAKAAIDQYTRNTAIDLIQHGIRVNSISPGLVATGFGSAMGMPEETSKKFYSTMATMKECVPAGVMGQPQDIAEVIA
FLADRKTSSYIIGHQLVVDGGSSLIMGLHCQDFAKLLH
;
_entity_poly.pdbx_strand_id   A
#
# COMPACT_ATOMS: atom_id res chain seq x y z
N THR A 2 16.49 -7.73 -12.33
CA THR A 2 15.96 -6.54 -11.60
C THR A 2 15.61 -6.89 -10.15
N ARG A 3 15.48 -5.89 -9.30
CA ARG A 3 15.15 -6.18 -7.91
C ARG A 3 13.74 -6.76 -7.83
N PHE A 4 13.52 -7.59 -6.83
CA PHE A 4 12.24 -8.27 -6.63
C PHE A 4 12.13 -9.52 -7.50
N ALA A 5 13.23 -9.89 -8.15
CA ALA A 5 13.23 -11.10 -8.97
C ALA A 5 13.10 -12.25 -7.96
N GLU A 6 12.20 -13.18 -8.24
CA GLU A 6 11.97 -14.32 -7.36
C GLU A 6 11.25 -13.90 -6.08
N LYS A 7 10.65 -12.71 -6.09
CA LYS A 7 9.91 -12.22 -4.93
C LYS A 7 8.43 -12.22 -5.27
N VAL A 8 7.60 -12.47 -4.27
CA VAL A 8 6.15 -12.49 -4.46
C VAL A 8 5.53 -11.42 -3.59
N ALA A 9 4.70 -10.58 -4.19
CA ALA A 9 4.07 -9.50 -3.44
C ALA A 9 2.57 -9.41 -3.58
N ILE A 10 1.92 -9.06 -2.48
CA ILE A 10 0.49 -8.85 -2.48
C ILE A 10 0.30 -7.35 -2.33
N ILE A 11 -0.50 -6.77 -3.22
CA ILE A 11 -0.78 -5.34 -3.18
C ILE A 11 -2.28 -5.16 -3.09
N THR A 12 -2.78 -4.72 -1.93
CA THR A 12 -4.21 -4.50 -1.77
C THR A 12 -4.54 -3.11 -2.33
N GLY A 13 -5.82 -2.87 -2.60
CA GLY A 13 -6.22 -1.58 -3.15
C GLY A 13 -5.45 -1.27 -4.44
N SER A 14 -5.12 -2.33 -5.18
CA SER A 14 -4.37 -2.17 -6.42
C SER A 14 -5.22 -2.02 -7.68
N SER A 15 -6.50 -1.71 -7.51
CA SER A 15 -7.35 -1.54 -8.67
C SER A 15 -7.29 -0.11 -9.20
N ASN A 16 -6.55 0.75 -8.52
CA ASN A 16 -6.44 2.15 -8.95
C ASN A 16 -5.27 2.89 -8.32
N GLY A 17 -5.04 4.10 -8.82
CA GLY A 17 -3.99 4.98 -8.32
C GLY A 17 -2.70 4.36 -7.80
N ILE A 18 -2.38 4.67 -6.55
CA ILE A 18 -1.18 4.17 -5.89
C ILE A 18 -1.01 2.66 -6.02
N GLY A 19 -2.02 1.93 -5.58
CA GLY A 19 -1.95 0.48 -5.64
C GLY A 19 -1.67 -0.03 -7.04
N ARG A 20 -2.33 0.56 -8.04
CA ARG A 20 -2.13 0.13 -9.41
C ARG A 20 -0.71 0.41 -9.91
N ALA A 21 -0.22 1.62 -9.66
CA ALA A 21 1.12 1.98 -10.09
C ALA A 21 2.17 1.09 -9.39
N THR A 22 1.91 0.75 -8.13
CA THR A 22 2.83 -0.09 -7.38
C THR A 22 2.91 -1.50 -7.99
N ALA A 23 1.75 -2.04 -8.34
CA ALA A 23 1.69 -3.38 -8.94
C ALA A 23 2.45 -3.41 -10.26
N VAL A 24 2.25 -2.38 -11.08
CA VAL A 24 2.94 -2.30 -12.36
C VAL A 24 4.45 -2.20 -12.16
N LEU A 25 4.86 -1.36 -11.22
CA LEU A 25 6.28 -1.18 -10.93
C LEU A 25 6.92 -2.48 -10.46
N PHE A 26 6.34 -3.09 -9.43
CA PHE A 26 6.89 -4.34 -8.90
C PHE A 26 6.94 -5.44 -9.96
N ALA A 27 5.88 -5.54 -10.77
CA ALA A 27 5.83 -6.55 -11.82
C ALA A 27 6.95 -6.30 -12.82
N ARG A 28 7.11 -5.04 -13.22
CA ARG A 28 8.17 -4.67 -14.16
C ARG A 28 9.53 -4.97 -13.55
N GLU A 29 9.59 -5.00 -12.22
CA GLU A 29 10.83 -5.27 -11.51
C GLU A 29 11.10 -6.76 -11.35
N GLY A 30 10.22 -7.59 -11.90
CA GLY A 30 10.42 -9.03 -11.81
C GLY A 30 9.66 -9.80 -10.75
N ALA A 31 8.88 -9.09 -9.92
CA ALA A 31 8.13 -9.76 -8.87
C ALA A 31 6.85 -10.43 -9.35
N LYS A 32 6.35 -11.35 -8.54
CA LYS A 32 5.17 -12.14 -8.92
C LYS A 32 4.08 -11.52 -8.04
N VAL A 33 3.12 -10.82 -8.67
CA VAL A 33 2.22 -9.98 -7.91
C VAL A 33 0.76 -10.41 -7.84
N THR A 34 0.18 -10.21 -6.66
CA THR A 34 -1.22 -10.50 -6.44
C THR A 34 -1.89 -9.15 -6.30
N ILE A 35 -2.78 -8.85 -7.23
CA ILE A 35 -3.50 -7.59 -7.18
C ILE A 35 -4.89 -7.97 -6.71
N THR A 36 -5.58 -7.06 -6.04
CA THR A 36 -6.90 -7.37 -5.54
C THR A 36 -7.77 -6.14 -5.33
N GLY A 37 -9.07 -6.36 -5.39
CA GLY A 37 -10.04 -5.29 -5.20
C GLY A 37 -11.44 -5.84 -5.38
N ARG A 38 -12.45 -5.00 -5.11
CA ARG A 38 -13.84 -5.42 -5.25
C ARG A 38 -14.39 -5.14 -6.64
N HIS A 39 -13.80 -4.19 -7.35
CA HIS A 39 -14.25 -3.85 -8.71
C HIS A 39 -13.41 -4.59 -9.75
N ALA A 40 -13.95 -5.70 -10.23
CA ALA A 40 -13.29 -6.55 -11.21
C ALA A 40 -12.78 -5.82 -12.46
N GLU A 41 -13.57 -4.91 -12.99
CA GLU A 41 -13.19 -4.18 -14.20
C GLU A 41 -12.02 -3.25 -13.96
N ARG A 42 -12.00 -2.58 -12.80
CA ARG A 42 -10.90 -1.69 -12.48
C ARG A 42 -9.63 -2.53 -12.28
N LEU A 43 -9.79 -3.67 -11.63
CA LEU A 43 -8.67 -4.57 -11.35
C LEU A 43 -8.09 -5.12 -12.65
N GLU A 44 -8.94 -5.53 -13.58
CA GLU A 44 -8.47 -6.07 -14.84
C GLU A 44 -7.66 -4.99 -15.57
N GLU A 45 -8.08 -3.74 -15.43
CA GLU A 45 -7.39 -2.63 -16.06
C GLU A 45 -5.94 -2.58 -15.53
N THR A 46 -5.77 -2.89 -14.25
CA THR A 46 -4.44 -2.92 -13.66
C THR A 46 -3.65 -4.05 -14.33
N ARG A 47 -4.28 -5.21 -14.42
CA ARG A 47 -3.65 -6.37 -15.06
C ARG A 47 -3.21 -6.02 -16.47
N GLN A 48 -4.08 -5.36 -17.23
CA GLN A 48 -3.75 -4.97 -18.59
C GLN A 48 -2.53 -4.05 -18.66
N GLN A 49 -2.38 -3.14 -17.70
CA GLN A 49 -1.22 -2.25 -17.70
C GLN A 49 0.04 -3.06 -17.42
N ILE A 50 -0.09 -4.12 -16.64
CA ILE A 50 1.04 -4.98 -16.32
C ILE A 50 1.45 -5.74 -17.58
N LEU A 51 0.47 -6.32 -18.26
CA LEU A 51 0.72 -7.07 -19.48
C LEU A 51 1.32 -6.15 -20.54
N ALA A 52 0.74 -4.95 -20.68
CA ALA A 52 1.22 -3.98 -21.65
C ALA A 52 2.67 -3.62 -21.41
N ALA A 53 3.10 -3.70 -20.15
CA ALA A 53 4.48 -3.39 -19.80
C ALA A 53 5.39 -4.52 -20.24
N GLY A 54 4.80 -5.57 -20.80
CA GLY A 54 5.58 -6.70 -21.28
C GLY A 54 5.77 -7.81 -20.26
N VAL A 55 5.03 -7.77 -19.15
CA VAL A 55 5.14 -8.80 -18.13
C VAL A 55 4.28 -10.02 -18.44
N SER A 56 4.81 -11.20 -18.19
CA SER A 56 4.08 -12.44 -18.45
C SER A 56 2.83 -12.53 -17.57
N GLU A 57 1.73 -12.99 -18.15
CA GLU A 57 0.48 -13.12 -17.42
C GLU A 57 0.60 -14.11 -16.27
N GLN A 58 1.63 -14.95 -16.33
CA GLN A 58 1.86 -15.94 -15.29
C GLN A 58 2.30 -15.30 -13.99
N ASN A 59 2.83 -14.08 -14.07
CA ASN A 59 3.31 -13.37 -12.89
C ASN A 59 2.26 -12.49 -12.22
N VAL A 60 1.01 -12.62 -12.67
CA VAL A 60 -0.07 -11.83 -12.09
C VAL A 60 -1.22 -12.70 -11.62
N ASN A 61 -1.63 -12.48 -10.37
CA ASN A 61 -2.75 -13.21 -9.77
C ASN A 61 -3.80 -12.17 -9.39
N SER A 62 -4.93 -12.19 -10.10
CA SER A 62 -6.02 -11.23 -9.84
C SER A 62 -7.07 -11.82 -8.93
N VAL A 63 -7.30 -11.16 -7.80
CA VAL A 63 -8.29 -11.63 -6.84
C VAL A 63 -9.37 -10.59 -6.59
N VAL A 64 -10.59 -10.89 -7.02
CA VAL A 64 -11.71 -9.98 -6.78
C VAL A 64 -12.30 -10.39 -5.45
N ALA A 65 -12.18 -9.52 -4.45
CA ALA A 65 -12.69 -9.84 -3.12
C ALA A 65 -12.80 -8.64 -2.20
N ASP A 66 -13.58 -8.82 -1.13
CA ASP A 66 -13.78 -7.78 -0.14
C ASP A 66 -12.74 -8.05 0.94
N VAL A 67 -11.70 -7.22 0.97
CA VAL A 67 -10.63 -7.40 1.93
C VAL A 67 -11.08 -7.23 3.38
N THR A 68 -12.30 -6.75 3.60
CA THR A 68 -12.80 -6.58 4.96
C THR A 68 -13.39 -7.87 5.51
N THR A 69 -13.59 -8.86 4.63
CA THR A 69 -14.17 -10.12 5.07
C THR A 69 -13.13 -11.21 5.27
N ASP A 70 -13.42 -12.13 6.18
CA ASP A 70 -12.53 -13.24 6.48
C ASP A 70 -12.24 -14.04 5.21
N ALA A 71 -13.29 -14.30 4.43
CA ALA A 71 -13.16 -15.07 3.20
C ALA A 71 -12.33 -14.33 2.14
N GLY A 72 -12.54 -13.03 2.01
CA GLY A 72 -11.79 -12.27 1.03
C GLY A 72 -10.32 -12.36 1.36
N GLN A 73 -10.00 -12.11 2.63
CA GLN A 73 -8.64 -12.16 3.12
C GLN A 73 -8.01 -13.52 2.82
N ASP A 74 -8.70 -14.59 3.20
CA ASP A 74 -8.19 -15.94 2.95
C ASP A 74 -7.98 -16.22 1.46
N GLU A 75 -8.90 -15.74 0.64
CA GLU A 75 -8.79 -15.94 -0.80
C GLU A 75 -7.56 -15.22 -1.35
N ILE A 76 -7.38 -13.98 -0.93
CA ILE A 76 -6.24 -13.19 -1.37
C ILE A 76 -4.95 -13.93 -1.06
N LEU A 77 -4.84 -14.44 0.16
CA LEU A 77 -3.65 -15.17 0.61
C LEU A 77 -3.53 -16.57 0.04
N SER A 78 -4.63 -17.33 0.04
CA SER A 78 -4.58 -18.69 -0.47
C SER A 78 -4.20 -18.76 -1.95
N THR A 79 -4.76 -17.89 -2.76
CA THR A 79 -4.44 -17.89 -4.19
C THR A 79 -3.01 -17.47 -4.48
N THR A 80 -2.44 -16.59 -3.66
CA THR A 80 -1.06 -16.16 -3.88
C THR A 80 -0.09 -17.29 -3.54
N LEU A 81 -0.35 -17.98 -2.43
CA LEU A 81 0.52 -19.09 -2.02
C LEU A 81 0.37 -20.28 -2.96
N GLY A 82 -0.85 -20.46 -3.47
CA GLY A 82 -1.09 -21.56 -4.38
C GLY A 82 -0.37 -21.37 -5.70
N LYS A 83 -0.57 -20.21 -6.31
CA LYS A 83 0.06 -19.91 -7.60
C LYS A 83 1.55 -19.60 -7.54
N PHE A 84 1.99 -18.93 -6.48
CA PHE A 84 3.38 -18.53 -6.37
C PHE A 84 4.21 -19.30 -5.34
N GLY A 85 3.55 -20.06 -4.48
CA GLY A 85 4.26 -20.86 -3.50
C GLY A 85 4.80 -20.20 -2.24
N LYS A 86 4.83 -18.86 -2.22
CA LYS A 86 5.35 -18.15 -1.06
C LYS A 86 4.92 -16.68 -1.09
N LEU A 87 5.30 -15.94 -0.05
CA LEU A 87 4.97 -14.51 0.04
C LEU A 87 6.15 -13.76 0.65
N ASP A 88 6.62 -12.75 -0.07
CA ASP A 88 7.75 -11.95 0.37
C ASP A 88 7.36 -10.53 0.80
N ILE A 89 6.41 -9.95 0.09
CA ILE A 89 6.01 -8.58 0.34
C ILE A 89 4.51 -8.34 0.43
N LEU A 90 4.11 -7.56 1.42
CA LEU A 90 2.71 -7.21 1.59
C LEU A 90 2.63 -5.69 1.67
N VAL A 91 1.93 -5.11 0.69
CA VAL A 91 1.74 -3.67 0.66
C VAL A 91 0.30 -3.46 1.06
N ASN A 92 0.08 -2.98 2.29
CA ASN A 92 -1.27 -2.75 2.79
C ASN A 92 -1.76 -1.39 2.32
N ASN A 93 -2.44 -1.38 1.18
CA ASN A 93 -2.96 -0.16 0.59
C ASN A 93 -4.48 -0.17 0.52
N ALA A 94 -5.13 -0.61 1.59
CA ALA A 94 -6.59 -0.63 1.61
C ALA A 94 -7.10 0.70 2.14
N GLY A 95 -8.11 1.26 1.47
CA GLY A 95 -8.66 2.53 1.90
C GLY A 95 -8.38 3.64 0.90
N GLN A 109 -19.38 13.57 11.02
CA GLN A 109 -19.92 12.46 10.26
C GLN A 109 -20.51 11.40 11.20
N SER A 110 -21.44 10.61 10.68
CA SER A 110 -22.12 9.57 11.45
C SER A 110 -21.20 8.48 11.98
N ILE A 111 -21.66 7.79 13.01
CA ILE A 111 -20.90 6.71 13.60
C ILE A 111 -20.84 5.57 12.59
N GLU A 112 -21.83 5.52 11.71
CA GLU A 112 -21.90 4.49 10.68
C GLU A 112 -20.71 4.65 9.73
N SER A 113 -20.42 5.89 9.36
CA SER A 113 -19.30 6.17 8.47
C SER A 113 -18.01 5.84 9.21
N TYR A 114 -18.02 6.07 10.53
CA TYR A 114 -16.86 5.77 11.36
C TYR A 114 -16.59 4.26 11.28
N ASP A 115 -17.62 3.46 11.50
CA ASP A 115 -17.49 2.01 11.46
C ASP A 115 -16.96 1.51 10.12
N ALA A 116 -17.55 2.00 9.04
CA ALA A 116 -17.13 1.58 7.71
C ALA A 116 -15.68 1.99 7.45
N THR A 117 -15.36 3.24 7.81
CA THR A 117 -14.02 3.75 7.60
C THR A 117 -12.94 2.98 8.37
N LEU A 118 -13.19 2.72 9.65
CA LEU A 118 -12.20 1.98 10.42
C LEU A 118 -12.11 0.52 10.04
N ASN A 119 -13.24 -0.05 9.63
CA ASN A 119 -13.27 -1.45 9.23
C ASN A 119 -12.33 -1.64 8.05
N LEU A 120 -12.42 -0.76 7.06
CA LEU A 120 -11.56 -0.88 5.88
C LEU A 120 -10.11 -0.45 6.09
N ASN A 121 -9.92 0.74 6.65
CA ASN A 121 -8.59 1.28 6.85
C ASN A 121 -7.75 0.72 7.98
N LEU A 122 -8.38 0.12 8.99
CA LEU A 122 -7.61 -0.42 10.12
C LEU A 122 -7.83 -1.91 10.36
N ARG A 123 -9.07 -2.27 10.66
CA ARG A 123 -9.42 -3.65 10.94
C ARG A 123 -8.97 -4.65 9.88
N SER A 124 -9.31 -4.41 8.62
CA SER A 124 -8.94 -5.32 7.54
C SER A 124 -7.42 -5.45 7.37
N VAL A 125 -6.69 -4.38 7.64
CA VAL A 125 -5.24 -4.41 7.50
C VAL A 125 -4.64 -5.27 8.60
N ILE A 126 -5.16 -5.14 9.81
CA ILE A 126 -4.67 -5.93 10.93
C ILE A 126 -4.98 -7.41 10.72
N ALA A 127 -6.20 -7.70 10.27
CA ALA A 127 -6.63 -9.06 10.03
C ALA A 127 -5.83 -9.74 8.91
N LEU A 128 -5.63 -9.03 7.80
CA LEU A 128 -4.88 -9.58 6.68
C LEU A 128 -3.43 -9.82 7.08
N THR A 129 -2.85 -8.82 7.74
CA THR A 129 -1.46 -8.90 8.16
C THR A 129 -1.20 -10.09 9.10
N LYS A 130 -2.07 -10.27 10.08
CA LYS A 130 -1.91 -11.38 11.01
C LYS A 130 -1.87 -12.70 10.24
N LYS A 131 -2.67 -12.81 9.19
CA LYS A 131 -2.71 -14.04 8.39
C LYS A 131 -1.47 -14.20 7.53
N ALA A 132 -0.89 -13.08 7.10
CA ALA A 132 0.31 -13.10 6.26
C ALA A 132 1.59 -13.35 7.05
N VAL A 133 1.64 -12.88 8.29
CA VAL A 133 2.83 -13.02 9.13
C VAL A 133 3.60 -14.33 9.03
N PRO A 134 2.93 -15.48 9.24
CA PRO A 134 3.64 -16.76 9.16
C PRO A 134 4.45 -16.92 7.88
N HIS A 135 3.83 -16.55 6.76
CA HIS A 135 4.50 -16.68 5.47
C HIS A 135 5.59 -15.65 5.25
N LEU A 136 5.40 -14.44 5.79
CA LEU A 136 6.41 -13.40 5.64
C LEU A 136 7.63 -13.75 6.49
N SER A 137 7.40 -14.42 7.61
CA SER A 137 8.48 -14.84 8.49
C SER A 137 9.37 -15.83 7.74
N SER A 138 8.75 -16.72 6.98
CA SER A 138 9.50 -17.74 6.23
C SER A 138 10.47 -17.15 5.21
N THR A 139 10.08 -16.04 4.60
CA THR A 139 10.91 -15.41 3.59
C THR A 139 11.65 -14.18 4.12
N LYS A 140 11.52 -13.91 5.41
CA LYS A 140 12.14 -12.73 6.02
C LYS A 140 11.67 -11.58 5.14
N GLY A 141 10.35 -11.51 4.97
CA GLY A 141 9.72 -10.51 4.11
C GLY A 141 9.63 -9.07 4.55
N GLU A 142 8.80 -8.32 3.83
CA GLU A 142 8.61 -6.91 4.10
C GLU A 142 7.14 -6.52 4.10
N ILE A 143 6.80 -5.56 4.95
CA ILE A 143 5.45 -5.04 5.03
C ILE A 143 5.56 -3.53 4.81
N VAL A 144 4.72 -2.99 3.94
CA VAL A 144 4.72 -1.56 3.72
C VAL A 144 3.28 -1.11 3.86
N ASN A 145 3.01 -0.38 4.93
CA ASN A 145 1.67 0.11 5.20
C ASN A 145 1.49 1.49 4.60
N ILE A 146 0.43 1.68 3.83
CA ILE A 146 0.18 2.99 3.23
C ILE A 146 -0.78 3.76 4.13
N SER A 147 -0.27 4.85 4.68
CA SER A 147 -1.05 5.70 5.57
C SER A 147 -1.44 6.97 4.80
N SER A 148 -1.28 8.13 5.42
CA SER A 148 -1.64 9.41 4.78
C SER A 148 -1.20 10.57 5.67
N ILE A 149 -0.89 11.73 5.09
CA ILE A 149 -0.50 12.84 5.94
C ILE A 149 -1.75 13.32 6.68
N ALA A 150 -2.87 12.66 6.46
CA ALA A 150 -4.10 12.98 7.17
C ALA A 150 -3.76 12.68 8.63
N SER A 151 -2.81 11.78 8.82
CA SER A 151 -2.33 11.41 10.14
C SER A 151 -1.04 12.16 10.38
N GLY A 152 -0.96 12.88 11.50
CA GLY A 152 0.24 13.63 11.82
C GLY A 152 0.00 14.59 12.95
N LEU A 153 1.03 15.34 13.35
CA LEU A 153 0.89 16.29 14.45
C LEU A 153 0.20 17.58 14.02
N HIS A 154 -1.03 17.44 13.55
CA HIS A 154 -1.81 18.57 13.09
C HIS A 154 -3.24 18.10 12.97
N ALA A 155 -4.15 19.03 12.68
CA ALA A 155 -5.56 18.68 12.55
C ALA A 155 -5.93 18.38 11.10
N THR A 156 -6.91 17.50 10.91
CA THR A 156 -7.40 17.14 9.58
C THR A 156 -8.91 17.02 9.68
N PRO A 157 -9.61 18.14 9.90
CA PRO A 157 -11.07 18.18 10.03
C PRO A 157 -11.90 17.74 8.82
N ASP A 158 -11.34 17.83 7.63
CA ASP A 158 -12.08 17.43 6.43
C ASP A 158 -12.17 15.91 6.26
N PHE A 159 -11.36 15.18 7.02
CA PHE A 159 -11.35 13.72 6.95
C PHE A 159 -11.29 13.19 8.37
N PRO A 160 -12.32 13.46 9.17
CA PRO A 160 -12.43 13.04 10.57
C PRO A 160 -12.10 11.59 10.94
N TYR A 161 -12.69 10.63 10.23
CA TYR A 161 -12.44 9.22 10.54
C TYR A 161 -11.29 8.60 9.77
N TYR A 162 -11.08 9.04 8.53
CA TYR A 162 -10.00 8.54 7.71
C TYR A 162 -8.67 8.88 8.41
N SER A 163 -8.57 10.10 8.91
CA SER A 163 -7.34 10.54 9.57
C SER A 163 -7.00 9.78 10.85
N ILE A 164 -8.00 9.54 11.71
CA ILE A 164 -7.72 8.83 12.95
C ILE A 164 -7.40 7.37 12.67
N ALA A 165 -8.01 6.82 11.62
CA ALA A 165 -7.74 5.43 11.26
C ALA A 165 -6.29 5.34 10.80
N LYS A 166 -5.83 6.36 10.06
CA LYS A 166 -4.46 6.37 9.58
C LYS A 166 -3.49 6.60 10.74
N ALA A 167 -3.93 7.38 11.73
CA ALA A 167 -3.08 7.64 12.90
C ALA A 167 -2.86 6.30 13.60
N ALA A 168 -3.90 5.46 13.62
CA ALA A 168 -3.79 4.14 14.24
C ALA A 168 -2.89 3.25 13.38
N ILE A 169 -2.93 3.47 12.07
CA ILE A 169 -2.08 2.70 11.15
C ILE A 169 -0.60 3.02 11.43
N ASP A 170 -0.31 4.29 11.69
CA ASP A 170 1.05 4.71 11.99
C ASP A 170 1.53 4.02 13.27
N GLN A 171 0.70 4.06 14.30
CA GLN A 171 1.04 3.43 15.57
C GLN A 171 1.19 1.93 15.36
N TYR A 172 0.26 1.34 14.61
CA TYR A 172 0.29 -0.08 14.33
C TYR A 172 1.60 -0.45 13.62
N THR A 173 2.05 0.42 12.71
CA THR A 173 3.28 0.18 11.99
C THR A 173 4.47 0.14 12.94
N ARG A 174 4.54 1.12 13.84
CA ARG A 174 5.63 1.15 14.80
C ARG A 174 5.59 -0.10 15.69
N ASN A 175 4.41 -0.43 16.20
CA ASN A 175 4.25 -1.61 17.06
C ASN A 175 4.66 -2.90 16.38
N THR A 176 4.11 -3.17 15.19
CA THR A 176 4.42 -4.39 14.48
C THR A 176 5.87 -4.46 13.99
N ALA A 177 6.47 -3.29 13.73
CA ALA A 177 7.86 -3.28 13.26
C ALA A 177 8.75 -3.87 14.34
N ILE A 178 8.51 -3.48 15.59
CA ILE A 178 9.32 -3.99 16.69
C ILE A 178 9.03 -5.45 17.00
N ASP A 179 7.76 -5.81 16.98
CA ASP A 179 7.39 -7.20 17.27
C ASP A 179 7.81 -8.16 16.16
N LEU A 180 7.48 -7.80 14.91
CA LEU A 180 7.79 -8.67 13.78
C LEU A 180 9.23 -8.76 13.30
N ILE A 181 10.07 -7.79 13.64
CA ILE A 181 11.47 -7.86 13.21
C ILE A 181 12.14 -9.04 13.89
N GLN A 182 11.55 -9.52 14.98
CA GLN A 182 12.12 -10.67 15.69
C GLN A 182 11.85 -11.94 14.89
N HIS A 183 11.01 -11.82 13.88
CA HIS A 183 10.69 -12.95 13.02
C HIS A 183 11.25 -12.72 11.62
N GLY A 184 12.21 -11.80 11.54
CA GLY A 184 12.87 -11.49 10.28
C GLY A 184 12.05 -10.65 9.31
N ILE A 185 10.99 -10.03 9.79
CA ILE A 185 10.15 -9.21 8.94
C ILE A 185 10.35 -7.71 9.16
N ARG A 186 10.57 -6.97 8.07
CA ARG A 186 10.75 -5.52 8.15
C ARG A 186 9.42 -4.83 7.87
N VAL A 187 9.03 -3.92 8.76
CA VAL A 187 7.77 -3.18 8.62
C VAL A 187 7.99 -1.68 8.61
N ASN A 188 7.41 -0.98 7.64
CA ASN A 188 7.50 0.47 7.54
C ASN A 188 6.19 0.98 6.95
N SER A 189 6.00 2.30 6.96
CA SER A 189 4.79 2.89 6.39
C SER A 189 5.14 4.14 5.60
N ILE A 190 4.22 4.54 4.73
CA ILE A 190 4.40 5.73 3.89
C ILE A 190 3.15 6.59 4.03
N SER A 191 3.35 7.90 4.23
CA SER A 191 2.23 8.83 4.35
C SER A 191 2.23 9.76 3.16
N PRO A 192 1.49 9.40 2.10
CA PRO A 192 1.42 10.24 0.91
C PRO A 192 0.61 11.51 1.10
N GLY A 193 1.03 12.57 0.41
CA GLY A 193 0.31 13.82 0.48
C GLY A 193 -0.70 13.78 -0.63
N LEU A 194 -0.83 14.87 -1.37
CA LEU A 194 -1.78 14.91 -2.48
C LEU A 194 -1.21 14.18 -3.69
N VAL A 195 -2.02 13.29 -4.26
CA VAL A 195 -1.61 12.52 -5.42
C VAL A 195 -2.77 12.48 -6.41
N ALA A 196 -2.47 12.72 -7.68
CA ALA A 196 -3.49 12.70 -8.71
C ALA A 196 -3.17 11.65 -9.77
N THR A 197 -3.70 11.85 -10.98
CA THR A 197 -3.48 10.95 -12.12
C THR A 197 -3.46 9.46 -11.80
N GLY A 198 -4.43 9.00 -11.01
CA GLY A 198 -4.50 7.59 -10.67
C GLY A 198 -5.08 6.74 -11.78
N PHE A 213 -8.65 27.04 -14.18
CA PHE A 213 -7.36 26.43 -14.48
C PHE A 213 -6.22 27.24 -13.85
N TYR A 214 -6.07 28.47 -14.31
CA TYR A 214 -5.02 29.34 -13.81
C TYR A 214 -5.15 29.55 -12.30
N SER A 215 -6.39 29.61 -11.82
CA SER A 215 -6.65 29.81 -10.41
C SER A 215 -6.31 28.52 -9.65
N THR A 216 -6.68 27.38 -10.23
CA THR A 216 -6.41 26.10 -9.62
C THR A 216 -4.92 25.79 -9.60
N MET A 217 -4.23 26.18 -10.67
CA MET A 217 -2.79 25.95 -10.76
C MET A 217 -2.07 26.82 -9.74
N ALA A 218 -2.60 28.02 -9.50
CA ALA A 218 -2.01 28.94 -8.54
C ALA A 218 -2.13 28.34 -7.14
N THR A 219 -3.34 27.92 -6.78
CA THR A 219 -3.58 27.34 -5.46
C THR A 219 -2.70 26.11 -5.25
N MET A 220 -2.55 25.31 -6.30
CA MET A 220 -1.72 24.11 -6.23
C MET A 220 -0.30 24.51 -5.84
N LYS A 221 0.26 25.48 -6.56
CA LYS A 221 1.61 25.96 -6.27
C LYS A 221 1.72 26.41 -4.83
N GLU A 222 0.61 26.91 -4.29
CA GLU A 222 0.56 27.41 -2.93
C GLU A 222 0.45 26.31 -1.87
N CYS A 223 -0.35 25.29 -2.16
CA CYS A 223 -0.56 24.21 -1.21
C CYS A 223 0.46 23.08 -1.25
N VAL A 224 1.18 22.97 -2.35
CA VAL A 224 2.20 21.93 -2.48
C VAL A 224 3.53 22.59 -2.82
N PRO A 225 4.41 22.74 -1.80
CA PRO A 225 5.71 23.37 -1.98
C PRO A 225 6.45 22.84 -3.22
N ALA A 226 6.35 21.54 -3.47
CA ALA A 226 6.99 20.93 -4.62
C ALA A 226 6.62 21.62 -5.93
N GLY A 227 5.48 22.30 -5.94
CA GLY A 227 5.07 23.02 -7.14
C GLY A 227 4.48 22.11 -8.19
N VAL A 228 4.44 20.82 -7.91
CA VAL A 228 3.87 19.86 -8.83
C VAL A 228 3.06 18.85 -8.04
N MET A 229 1.97 18.38 -8.64
CA MET A 229 1.10 17.42 -7.97
C MET A 229 1.78 16.04 -7.90
N GLY A 230 1.57 15.34 -6.79
CA GLY A 230 2.15 14.02 -6.65
C GLY A 230 1.55 13.06 -7.65
N GLN A 231 2.31 12.05 -8.05
CA GLN A 231 1.84 11.05 -9.01
C GLN A 231 1.88 9.66 -8.39
N PRO A 232 0.96 8.76 -8.79
CA PRO A 232 0.93 7.41 -8.25
C PRO A 232 2.31 6.74 -8.31
N GLN A 233 3.01 6.99 -9.41
CA GLN A 233 4.35 6.44 -9.61
C GLN A 233 5.34 6.95 -8.56
N ASP A 234 5.19 8.21 -8.14
CA ASP A 234 6.10 8.77 -7.14
C ASP A 234 6.01 7.97 -5.85
N ILE A 235 4.80 7.58 -5.49
CA ILE A 235 4.59 6.81 -4.26
C ILE A 235 5.08 5.38 -4.45
N ALA A 236 4.83 4.81 -5.64
CA ALA A 236 5.27 3.45 -5.94
C ALA A 236 6.77 3.28 -5.78
N GLU A 237 7.53 4.28 -6.24
CA GLU A 237 8.99 4.23 -6.13
C GLU A 237 9.41 4.10 -4.67
N VAL A 238 8.73 4.84 -3.79
CA VAL A 238 9.07 4.82 -2.37
C VAL A 238 8.67 3.49 -1.74
N ILE A 239 7.57 2.91 -2.20
CA ILE A 239 7.13 1.62 -1.69
C ILE A 239 8.18 0.58 -2.06
N ALA A 240 8.65 0.63 -3.30
CA ALA A 240 9.67 -0.29 -3.78
C ALA A 240 10.96 -0.13 -2.96
N PHE A 241 11.33 1.13 -2.69
CA PHE A 241 12.52 1.42 -1.91
C PHE A 241 12.45 0.71 -0.55
N LEU A 242 11.31 0.82 0.11
CA LEU A 242 11.10 0.20 1.42
C LEU A 242 10.92 -1.32 1.39
N ALA A 243 10.54 -1.86 0.24
CA ALA A 243 10.35 -3.30 0.11
C ALA A 243 11.65 -4.00 -0.30
N ASP A 244 12.65 -3.21 -0.65
CA ASP A 244 13.94 -3.72 -1.09
C ASP A 244 15.03 -3.57 -0.02
N ARG A 245 15.44 -4.68 0.58
CA ARG A 245 16.48 -4.65 1.61
C ARG A 245 17.80 -4.09 1.10
N LYS A 246 18.09 -4.29 -0.18
CA LYS A 246 19.32 -3.78 -0.75
C LYS A 246 19.38 -2.25 -0.63
N THR A 247 18.23 -1.60 -0.61
CA THR A 247 18.23 -0.15 -0.51
C THR A 247 17.80 0.43 0.84
N SER A 248 17.07 -0.33 1.66
CA SER A 248 16.58 0.20 2.93
C SER A 248 16.57 -0.75 4.12
N SER A 249 17.40 -1.80 4.09
CA SER A 249 17.38 -2.77 5.19
C SER A 249 17.39 -2.21 6.61
N TYR A 250 18.17 -1.16 6.85
CA TYR A 250 18.25 -0.60 8.19
C TYR A 250 17.12 0.37 8.57
N ILE A 251 16.18 0.57 7.65
CA ILE A 251 15.04 1.43 7.96
C ILE A 251 13.97 0.50 8.54
N ILE A 252 13.56 0.78 9.76
CA ILE A 252 12.57 -0.06 10.43
C ILE A 252 11.54 0.71 11.27
N GLY A 253 10.26 0.44 10.98
CA GLY A 253 9.16 1.07 11.71
C GLY A 253 9.00 2.55 11.48
N HIS A 254 9.61 3.06 10.41
CA HIS A 254 9.54 4.47 10.10
C HIS A 254 8.29 4.90 9.32
N GLN A 255 7.80 6.10 9.60
CA GLN A 255 6.66 6.66 8.88
C GLN A 255 7.24 7.62 7.85
N LEU A 256 7.42 7.13 6.63
CA LEU A 256 8.01 7.94 5.56
C LEU A 256 6.97 8.83 4.88
N VAL A 257 7.09 10.14 5.09
CA VAL A 257 6.18 11.10 4.49
C VAL A 257 6.61 11.43 3.06
N VAL A 258 5.67 11.32 2.14
CA VAL A 258 5.92 11.60 0.72
C VAL A 258 4.80 12.54 0.31
N ASP A 259 4.98 13.84 0.57
CA ASP A 259 3.92 14.82 0.31
C ASP A 259 4.32 16.11 -0.38
N GLY A 260 5.45 16.13 -1.08
CA GLY A 260 5.87 17.36 -1.74
C GLY A 260 6.07 18.51 -0.76
N GLY A 261 6.11 18.20 0.53
CA GLY A 261 6.31 19.21 1.56
C GLY A 261 5.06 19.82 2.17
N SER A 262 3.89 19.40 1.70
CA SER A 262 2.62 19.94 2.19
C SER A 262 2.40 19.97 3.69
N SER A 263 2.71 18.88 4.38
CA SER A 263 2.51 18.81 5.82
C SER A 263 3.40 19.75 6.62
N LEU A 264 4.44 20.29 5.99
CA LEU A 264 5.35 21.20 6.66
C LEU A 264 4.87 22.64 6.65
N ILE A 265 3.80 22.90 5.89
CA ILE A 265 3.25 24.25 5.80
C ILE A 265 2.22 24.52 6.89
#